data_5ZV7
#
_entry.id   5ZV7
#
_cell.length_a   75.699
_cell.length_b   86.851
_cell.length_c   97.431
_cell.angle_alpha   90.00
_cell.angle_beta   90.00
_cell.angle_gamma   90.00
#
_symmetry.space_group_name_H-M   'P 21 21 21'
#
loop_
_entity.id
_entity.type
_entity.pdbx_description
1 polymer VP1
2 branched alpha-L-fucopyranose-(1-2)-[alpha-D-galactopyranose-(1-3)]alpha-D-galactopyranose
3 water water
#
_entity_poly.entity_id   1
_entity_poly.type   'polypeptide(L)'
_entity_poly.pdbx_seq_one_letter_code
;SKTKPFSLPILTLSELTNSRFPVPIDSLFTAQNNVLQVQCQNGRCTLDGELQGTTQLLPSGICAFRGRVTAQINQRDRWH
MQLQNLNGTTYDPTDDVPAPLGTPDFKGVVFGMVSQRNVGNDAPGSTRAQQAWVSTYSPQFVPKLGSVNLRISDNDDFQF
QPTKFTPVGVNDDDDGHPFRQWELPNYSGELTLNMNLAPPVAPNFPGEQLLFFRSFVPCSGGYNQGIIDCLIPQEWIQHF
YQESAPSQSDVALIRYVNPDTGRTLFEAKLHRSGYITVAHSGDYPLVVPANGHFRFDSWVNQFYSLAPM
;
_entity_poly.pdbx_strand_id   A,B
#
# COMPACT_ATOMS: atom_id res chain seq x y z
N PRO A 5 0.25 -14.90 23.84
CA PRO A 5 -0.86 -15.68 23.29
C PRO A 5 -1.18 -15.26 21.85
N PHE A 6 -1.34 -16.23 20.95
CA PHE A 6 -1.53 -15.96 19.52
C PHE A 6 -2.82 -15.17 19.29
N SER A 7 -2.83 -14.36 18.24
CA SER A 7 -4.03 -13.59 17.91
C SER A 7 -4.03 -13.15 16.44
N LEU A 8 -5.20 -12.66 16.00
CA LEU A 8 -5.35 -12.03 14.70
C LEU A 8 -5.68 -10.56 14.90
N PRO A 9 -5.33 -9.71 13.93
CA PRO A 9 -5.80 -8.34 14.03
C PRO A 9 -7.30 -8.31 13.75
N ILE A 10 -8.01 -7.34 14.33
CA ILE A 10 -9.47 -7.21 14.17
C ILE A 10 -9.79 -6.28 13.00
N LEU A 11 -10.07 -6.84 11.83
CA LEU A 11 -10.23 -6.04 10.61
C LEU A 11 -11.29 -6.67 9.69
N THR A 12 -12.18 -5.84 9.17
CA THR A 12 -13.18 -6.27 8.19
C THR A 12 -12.53 -6.42 6.83
N LEU A 13 -13.23 -7.04 5.88
CA LEU A 13 -12.65 -7.30 4.57
C LEU A 13 -12.24 -6.04 3.86
N SER A 14 -13.05 -4.99 3.98
CA SER A 14 -12.71 -3.71 3.35
C SER A 14 -11.56 -3.00 4.08
N GLU A 15 -11.17 -3.49 5.25
CA GLU A 15 -10.00 -3.00 5.98
C GLU A 15 -8.75 -3.88 5.75
N LEU A 16 -8.78 -4.77 4.75
CA LEU A 16 -7.67 -5.68 4.48
C LEU A 16 -7.12 -5.50 3.08
N THR A 17 -5.81 -5.75 2.95
CA THR A 17 -5.07 -5.56 1.71
C THR A 17 -4.64 -6.94 1.21
N ASN A 18 -4.79 -7.15 -0.10
CA ASN A 18 -4.36 -8.37 -0.74
C ASN A 18 -2.84 -8.49 -0.64
N SER A 19 -2.34 -9.64 -0.24
CA SER A 19 -0.89 -9.83 -0.11
C SER A 19 -0.21 -10.19 -1.43
N ARG A 20 -0.96 -10.36 -2.51
CA ARG A 20 -0.34 -10.67 -3.81
C ARG A 20 -0.48 -9.56 -4.88
N PHE A 21 -1.26 -8.54 -4.55
CA PHE A 21 -1.36 -7.36 -5.40
C PHE A 21 -1.85 -6.19 -4.53
N PRO A 22 -1.32 -4.98 -4.74
CA PRO A 22 -1.63 -3.92 -3.76
C PRO A 22 -3.01 -3.25 -3.88
N VAL A 23 -4.06 -4.01 -3.57
CA VAL A 23 -5.44 -3.52 -3.58
C VAL A 23 -6.17 -4.09 -2.36
N PRO A 24 -7.34 -3.51 -2.00
CA PRO A 24 -8.16 -4.07 -0.93
C PRO A 24 -8.75 -5.44 -1.28
N ILE A 25 -9.06 -6.22 -0.25
CA ILE A 25 -9.80 -7.46 -0.41
C ILE A 25 -11.25 -7.11 -0.74
N ASP A 26 -11.83 -7.82 -1.71
CA ASP A 26 -13.22 -7.64 -2.09
C ASP A 26 -14.14 -8.68 -1.48
N SER A 27 -13.68 -9.92 -1.36
CA SER A 27 -14.53 -11.02 -0.91
C SER A 27 -13.74 -12.25 -0.49
N LEU A 28 -14.44 -13.20 0.10
CA LEU A 28 -13.88 -14.52 0.40
C LEU A 28 -14.35 -15.55 -0.63
N PHE A 29 -13.48 -16.51 -0.92
CA PHE A 29 -13.74 -17.53 -1.93
C PHE A 29 -13.12 -18.86 -1.52
N THR A 30 -13.91 -19.92 -1.62
CA THR A 30 -13.36 -21.27 -1.47
C THR A 30 -13.39 -21.96 -2.81
N ALA A 31 -12.31 -22.68 -3.11
CA ALA A 31 -12.11 -23.27 -4.42
C ALA A 31 -12.15 -24.79 -4.32
N GLN A 32 -12.72 -25.42 -5.35
CA GLN A 32 -12.67 -26.87 -5.44
C GLN A 32 -11.23 -27.34 -5.62
N ASN A 33 -10.91 -28.46 -4.99
CA ASN A 33 -9.58 -29.05 -5.11
C ASN A 33 -9.29 -29.53 -6.53
N ASN A 34 -8.07 -29.30 -7.00
CA ASN A 34 -7.69 -29.62 -8.37
C ASN A 34 -6.19 -29.90 -8.47
N VAL A 35 -5.82 -30.63 -9.49
CA VAL A 35 -4.50 -31.22 -9.57
C VAL A 35 -3.48 -30.13 -9.66
N LEU A 36 -3.92 -28.93 -9.99
CA LEU A 36 -2.98 -27.83 -10.19
C LEU A 36 -2.56 -27.16 -8.90
N GLN A 37 -1.29 -27.19 -8.61
CA GLN A 37 -0.75 -26.71 -7.36
C GLN A 37 -0.90 -25.21 -7.06
N VAL A 38 -1.15 -24.91 -5.81
CA VAL A 38 -1.15 -23.56 -5.34
C VAL A 38 0.19 -23.31 -4.66
N GLN A 39 1.00 -22.44 -5.22
CA GLN A 39 2.34 -22.21 -4.71
C GLN A 39 2.78 -20.75 -4.93
N CYS A 40 1.92 -19.80 -4.59
CA CYS A 40 2.32 -18.40 -4.64
C CYS A 40 3.51 -18.12 -3.71
N GLN A 41 4.28 -17.11 -4.09
CA GLN A 41 5.48 -16.72 -3.38
C GLN A 41 5.34 -15.39 -2.65
N ASN A 42 4.39 -14.55 -3.06
CA ASN A 42 3.99 -13.41 -2.26
C ASN A 42 2.86 -13.83 -1.35
N GLY A 43 2.74 -13.16 -0.21
CA GLY A 43 1.71 -13.48 0.77
C GLY A 43 1.96 -14.79 1.50
N ARG A 44 3.21 -15.08 1.79
CA ARG A 44 3.58 -16.32 2.47
C ARG A 44 4.28 -15.99 3.78
N CYS A 45 3.75 -16.52 4.87
CA CYS A 45 4.24 -16.21 6.20
C CYS A 45 3.73 -17.26 7.18
N THR A 46 4.59 -17.71 8.10
CA THR A 46 4.19 -18.68 9.12
C THR A 46 3.48 -17.94 10.25
N LEU A 47 2.76 -18.69 11.08
CA LEU A 47 2.02 -18.07 12.17
C LEU A 47 2.93 -17.52 13.26
N ASP A 48 4.16 -18.04 13.35
CA ASP A 48 5.15 -17.49 14.26
C ASP A 48 5.97 -16.37 13.61
N GLY A 49 5.62 -15.98 12.38
CA GLY A 49 6.09 -14.73 11.79
C GLY A 49 7.31 -14.78 10.87
N GLU A 50 7.57 -15.95 10.29
CA GLU A 50 8.68 -16.10 9.36
C GLU A 50 8.15 -15.86 7.94
N LEU A 51 8.60 -14.78 7.29
CA LEU A 51 8.19 -14.50 5.90
C LEU A 51 8.87 -15.48 4.99
N GLN A 52 8.15 -15.94 3.95
CA GLN A 52 8.70 -16.92 3.02
C GLN A 52 8.54 -16.45 1.58
N GLY A 53 9.20 -17.14 0.66
CA GLY A 53 9.07 -16.81 -0.75
C GLY A 53 9.65 -15.44 -1.04
N THR A 54 8.91 -14.63 -1.80
CA THR A 54 9.32 -13.28 -2.13
C THR A 54 8.57 -12.25 -1.26
N THR A 55 8.03 -12.72 -0.15
CA THR A 55 7.19 -11.89 0.69
C THR A 55 8.01 -10.85 1.46
N GLN A 56 7.55 -9.60 1.41
CA GLN A 56 8.09 -8.53 2.25
C GLN A 56 6.91 -7.81 2.91
N LEU A 57 7.17 -6.80 3.72
CA LEU A 57 6.14 -6.24 4.63
C LEU A 57 5.22 -5.15 4.08
N LEU A 58 5.67 -4.40 3.07
CA LEU A 58 4.94 -3.21 2.60
C LEU A 58 3.96 -3.48 1.48
N PRO A 59 2.69 -3.05 1.64
CA PRO A 59 1.76 -3.16 0.53
C PRO A 59 2.30 -2.51 -0.74
N SER A 60 2.99 -1.39 -0.59
CA SER A 60 3.58 -0.69 -1.75
C SER A 60 4.79 -1.42 -2.37
N GLY A 61 5.26 -2.50 -1.75
CA GLY A 61 6.32 -3.33 -2.33
C GLY A 61 5.81 -4.46 -3.22
N ILE A 62 4.52 -4.77 -3.15
CA ILE A 62 4.00 -5.95 -3.81
C ILE A 62 3.88 -5.69 -5.31
N CYS A 63 4.60 -6.49 -6.11
CA CYS A 63 4.68 -6.34 -7.57
C CYS A 63 5.35 -5.04 -8.04
N ALA A 64 6.23 -4.48 -7.20
CA ALA A 64 6.97 -3.28 -7.56
C ALA A 64 8.41 -3.66 -7.85
N PHE A 65 9.10 -2.81 -8.62
CA PHE A 65 10.53 -2.97 -8.86
C PHE A 65 11.25 -1.65 -8.63
N ARG A 66 12.53 -1.75 -8.29
CA ARG A 66 13.38 -0.60 -8.13
C ARG A 66 14.74 -0.94 -8.67
N GLY A 67 15.38 0.02 -9.35
CA GLY A 67 16.70 -0.24 -9.90
C GLY A 67 17.19 0.87 -10.81
N ARG A 68 18.00 0.50 -11.78
CA ARG A 68 18.59 1.41 -12.76
C ARG A 68 18.36 0.83 -14.16
N VAL A 69 17.94 1.66 -15.10
CA VAL A 69 17.87 1.25 -16.50
C VAL A 69 19.27 1.41 -17.10
N THR A 70 19.79 0.36 -17.74
CA THR A 70 21.21 0.37 -18.16
C THR A 70 21.44 0.12 -19.65
N ALA A 71 20.41 -0.29 -20.38
CA ALA A 71 20.57 -0.61 -21.79
C ALA A 71 19.23 -0.78 -22.46
N GLN A 72 19.22 -0.75 -23.79
CA GLN A 72 18.03 -1.14 -24.54
C GLN A 72 18.41 -2.14 -25.62
N ILE A 73 17.43 -2.97 -25.99
CA ILE A 73 17.62 -3.99 -27.01
C ILE A 73 16.51 -3.90 -28.03
N ASN A 74 16.74 -4.51 -29.19
CA ASN A 74 15.79 -4.43 -30.31
C ASN A 74 14.74 -5.51 -30.22
N GLN A 75 14.00 -5.48 -29.11
CA GLN A 75 12.96 -6.47 -28.83
C GLN A 75 11.81 -5.72 -28.20
N ARG A 76 10.64 -6.34 -28.20
CA ARG A 76 9.47 -5.73 -27.59
C ARG A 76 9.75 -5.35 -26.12
N ASP A 77 10.38 -6.26 -25.38
CA ASP A 77 10.84 -5.99 -24.02
C ASP A 77 12.19 -5.25 -24.12
N ARG A 78 12.09 -3.94 -24.32
CA ARG A 78 13.17 -3.14 -24.86
C ARG A 78 14.17 -2.65 -23.84
N TRP A 79 13.71 -2.26 -22.65
CA TRP A 79 14.55 -1.52 -21.72
C TRP A 79 15.02 -2.40 -20.56
N HIS A 80 16.32 -2.58 -20.46
CA HIS A 80 16.92 -3.48 -19.47
C HIS A 80 17.07 -2.78 -18.12
N MET A 81 16.39 -3.29 -17.10
CA MET A 81 16.39 -2.72 -15.74
C MET A 81 17.13 -3.63 -14.77
N GLN A 82 18.29 -3.18 -14.31
CA GLN A 82 19.10 -3.89 -13.32
C GLN A 82 18.48 -3.58 -11.97
N LEU A 83 18.13 -4.62 -11.22
CA LEU A 83 17.32 -4.43 -10.01
C LEU A 83 18.14 -4.23 -8.75
N GLN A 84 17.54 -3.49 -7.82
CA GLN A 84 17.99 -3.37 -6.44
C GLN A 84 16.91 -4.00 -5.57
N ASN A 85 17.20 -4.14 -4.29
CA ASN A 85 16.14 -4.45 -3.35
C ASN A 85 15.21 -3.24 -3.27
N LEU A 86 13.96 -3.45 -2.89
CA LEU A 86 13.00 -2.35 -2.83
C LEU A 86 13.40 -1.19 -1.92
N ASN A 87 14.19 -1.43 -0.89
CA ASN A 87 14.69 -0.33 -0.06
C ASN A 87 15.91 0.41 -0.65
N GLY A 88 16.31 0.07 -1.86
CA GLY A 88 17.42 0.73 -2.52
C GLY A 88 18.78 0.09 -2.31
N THR A 89 18.89 -0.92 -1.46
CA THR A 89 20.17 -1.60 -1.24
C THR A 89 20.49 -2.56 -2.38
N THR A 90 21.76 -2.94 -2.48
CA THR A 90 22.24 -3.80 -3.56
C THR A 90 21.62 -5.19 -3.48
N TYR A 91 21.13 -5.68 -4.61
CA TYR A 91 20.53 -7.00 -4.67
C TYR A 91 21.63 -8.04 -4.85
N ASP A 92 21.58 -9.10 -4.03
CA ASP A 92 22.54 -10.19 -4.13
C ASP A 92 21.87 -11.44 -4.72
N PRO A 93 22.22 -11.83 -5.96
CA PRO A 93 21.62 -12.99 -6.60
C PRO A 93 21.82 -14.32 -5.86
N THR A 94 22.81 -14.39 -4.96
CA THR A 94 23.07 -15.63 -4.22
C THR A 94 22.29 -15.73 -2.91
N ASP A 95 21.50 -14.71 -2.58
CA ASP A 95 20.61 -14.76 -1.40
C ASP A 95 19.63 -15.92 -1.52
N ASP A 96 19.17 -16.45 -0.39
CA ASP A 96 18.29 -17.63 -0.38
C ASP A 96 16.80 -17.28 -0.55
N VAL A 97 16.51 -16.60 -1.64
CA VAL A 97 15.13 -16.24 -2.01
C VAL A 97 14.92 -16.63 -3.48
N PRO A 98 13.66 -16.77 -3.91
CA PRO A 98 13.40 -17.08 -5.33
C PRO A 98 13.73 -15.92 -6.28
N ALA A 99 13.69 -14.70 -5.75
CA ALA A 99 13.81 -13.47 -6.54
C ALA A 99 13.83 -12.32 -5.55
N PRO A 100 14.15 -11.11 -6.01
CA PRO A 100 14.02 -9.96 -5.11
C PRO A 100 12.62 -9.90 -4.50
N LEU A 101 12.55 -9.52 -3.22
CA LEU A 101 11.27 -9.50 -2.52
C LEU A 101 10.31 -8.52 -3.22
N GLY A 102 9.04 -8.93 -3.31
CA GLY A 102 8.03 -8.15 -4.02
C GLY A 102 7.78 -8.54 -5.48
N THR A 103 8.72 -9.27 -6.10
CA THR A 103 8.59 -9.70 -7.49
C THR A 103 7.24 -10.40 -7.75
N PRO A 104 6.58 -10.11 -8.88
CA PRO A 104 5.32 -10.81 -9.16
C PRO A 104 5.46 -12.34 -9.19
N ASP A 105 4.43 -13.04 -8.70
CA ASP A 105 4.46 -14.51 -8.59
C ASP A 105 3.45 -15.19 -9.53
N PHE A 106 3.19 -14.59 -10.68
CA PHE A 106 2.22 -15.15 -11.63
C PHE A 106 2.63 -14.87 -13.06
N LYS A 107 2.05 -15.63 -13.97
CA LYS A 107 2.26 -15.43 -15.40
C LYS A 107 1.26 -14.43 -15.93
N GLY A 108 1.76 -13.41 -16.61
CA GLY A 108 0.92 -12.36 -17.14
C GLY A 108 1.71 -11.11 -17.44
N VAL A 109 0.98 -10.02 -17.67
CA VAL A 109 1.57 -8.71 -17.84
C VAL A 109 1.10 -7.84 -16.67
N VAL A 110 2.03 -7.19 -15.99
CA VAL A 110 1.67 -6.18 -15.01
C VAL A 110 1.84 -4.84 -15.70
N PHE A 111 0.80 -4.01 -15.63
CA PHE A 111 0.85 -2.66 -16.15
C PHE A 111 0.85 -1.64 -15.00
N GLY A 112 1.48 -0.51 -15.25
CA GLY A 112 1.55 0.56 -14.28
C GLY A 112 2.35 1.71 -14.85
N MET A 113 3.16 2.34 -14.00
CA MET A 113 4.01 3.43 -14.46
C MET A 113 5.45 3.28 -14.02
N VAL A 114 6.35 3.78 -14.86
CA VAL A 114 7.74 3.90 -14.49
C VAL A 114 8.02 5.36 -14.24
N SER A 115 8.88 5.62 -13.27
CA SER A 115 9.36 6.96 -12.99
C SER A 115 10.86 6.94 -12.80
N GLN A 116 11.51 8.03 -13.19
CA GLN A 116 12.95 8.16 -13.06
C GLN A 116 13.31 9.45 -12.36
N ARG A 117 14.43 9.42 -11.66
CA ARG A 117 15.00 10.60 -11.00
C ARG A 117 16.51 10.50 -11.12
N ASN A 118 17.08 11.37 -11.96
CA ASN A 118 18.52 11.34 -12.26
C ASN A 118 19.40 11.59 -11.05
N VAL A 119 20.55 10.92 -11.04
CA VAL A 119 21.60 11.19 -10.06
C VAL A 119 22.91 11.27 -10.83
N GLY A 120 23.96 11.72 -10.16
CA GLY A 120 25.28 11.85 -10.77
C GLY A 120 25.42 13.13 -11.58
N ASN A 121 26.11 13.04 -12.73
CA ASN A 121 26.52 14.23 -13.50
C ASN A 121 25.54 14.69 -14.57
N ASP A 122 24.64 13.81 -15.02
CA ASP A 122 23.75 14.12 -16.12
C ASP A 122 22.40 14.63 -15.58
N ALA A 123 22.25 15.95 -15.53
CA ALA A 123 21.02 16.61 -15.08
C ALA A 123 20.46 15.98 -13.79
N PRO A 124 21.26 15.97 -12.72
CA PRO A 124 20.80 15.38 -11.47
C PRO A 124 19.51 16.05 -10.98
N GLY A 125 18.56 15.25 -10.54
CA GLY A 125 17.30 15.80 -10.04
C GLY A 125 16.21 15.85 -11.09
N SER A 126 16.56 15.75 -12.38
CA SER A 126 15.54 15.75 -13.43
C SER A 126 14.71 14.48 -13.38
N THR A 127 13.41 14.62 -13.66
CA THR A 127 12.48 13.51 -13.54
C THR A 127 11.64 13.32 -14.79
N ARG A 128 11.03 12.15 -14.88
CA ARG A 128 10.06 11.82 -15.93
C ARG A 128 9.29 10.57 -15.49
N ALA A 129 8.05 10.42 -15.98
CA ALA A 129 7.23 9.25 -15.72
C ALA A 129 6.31 8.93 -16.89
N GLN A 130 6.02 7.65 -17.08
CA GLN A 130 5.10 7.24 -18.14
C GLN A 130 4.59 5.82 -17.89
N GLN A 131 3.61 5.46 -18.70
CA GLN A 131 3.02 4.13 -18.68
C GLN A 131 4.06 3.07 -19.06
N ALA A 132 4.03 1.94 -18.35
CA ALA A 132 4.90 0.80 -18.66
C ALA A 132 4.25 -0.54 -18.36
N TRP A 133 4.84 -1.59 -18.92
CA TRP A 133 4.37 -2.97 -18.80
C TRP A 133 5.55 -3.88 -18.52
N VAL A 134 5.34 -4.86 -17.66
CA VAL A 134 6.34 -5.89 -17.41
C VAL A 134 5.67 -7.22 -17.71
N SER A 135 6.18 -7.94 -18.69
CA SER A 135 5.64 -9.28 -19.00
C SER A 135 6.45 -10.31 -18.23
N THR A 136 5.79 -11.12 -17.42
CA THR A 136 6.49 -12.19 -16.71
C THR A 136 6.67 -13.46 -17.58
N TYR A 137 6.14 -13.44 -18.80
CA TYR A 137 6.45 -14.46 -19.81
C TYR A 137 7.75 -14.19 -20.56
N SER A 138 8.23 -12.93 -20.55
CA SER A 138 9.36 -12.51 -21.35
C SER A 138 10.62 -13.34 -21.09
N PRO A 139 11.39 -13.68 -22.15
CA PRO A 139 12.71 -14.29 -21.89
C PRO A 139 13.67 -13.37 -21.11
N GLN A 140 13.38 -12.06 -21.11
CA GLN A 140 14.20 -11.10 -20.36
C GLN A 140 13.69 -10.86 -18.94
N PHE A 141 12.62 -11.53 -18.55
CA PHE A 141 12.19 -11.52 -17.15
C PHE A 141 13.06 -12.51 -16.37
N VAL A 142 14.15 -12.02 -15.79
CA VAL A 142 15.07 -12.85 -15.04
C VAL A 142 15.44 -12.19 -13.72
N PRO A 143 14.43 -11.83 -12.92
CA PRO A 143 14.66 -11.11 -11.66
C PRO A 143 15.64 -11.78 -10.68
N LYS A 144 15.65 -13.11 -10.59
CA LYS A 144 16.61 -13.82 -9.73
C LYS A 144 18.06 -13.53 -10.15
N LEU A 145 18.28 -13.43 -11.47
CA LEU A 145 19.60 -13.09 -12.00
C LEU A 145 19.92 -11.60 -11.80
N GLY A 146 18.88 -10.80 -11.58
CA GLY A 146 19.03 -9.40 -11.24
C GLY A 146 18.49 -8.39 -12.24
N SER A 147 17.71 -8.84 -13.23
CA SER A 147 17.10 -7.88 -14.17
C SER A 147 15.74 -8.28 -14.75
N VAL A 148 14.98 -7.27 -15.17
CA VAL A 148 13.79 -7.43 -15.98
C VAL A 148 13.84 -6.41 -17.12
N ASN A 149 13.13 -6.66 -18.20
CA ASN A 149 13.04 -5.69 -19.29
C ASN A 149 11.63 -5.11 -19.35
N LEU A 150 11.56 -3.81 -19.63
CA LEU A 150 10.28 -3.09 -19.64
C LEU A 150 9.87 -2.71 -21.05
N ARG A 151 8.56 -2.70 -21.29
CA ARG A 151 7.97 -2.03 -22.43
C ARG A 151 7.40 -0.70 -21.93
N ILE A 152 7.61 0.38 -22.69
CA ILE A 152 7.11 1.70 -22.31
C ILE A 152 6.38 2.34 -23.47
N SER A 153 5.64 3.40 -23.20
CA SER A 153 4.84 4.04 -24.24
C SER A 153 5.61 5.07 -25.08
N ASP A 154 6.66 5.68 -24.52
CA ASP A 154 7.44 6.73 -25.21
C ASP A 154 8.94 6.47 -25.12
N ASN A 155 9.47 5.80 -26.14
CA ASN A 155 10.88 5.41 -26.15
C ASN A 155 11.86 6.58 -26.27
N ASP A 156 11.38 7.79 -26.57
CA ASP A 156 12.25 8.96 -26.71
C ASP A 156 12.45 9.76 -25.43
N ASP A 157 11.76 9.40 -24.36
CA ASP A 157 11.91 10.14 -23.10
C ASP A 157 12.20 9.18 -21.95
N PHE A 158 13.33 8.48 -22.03
CA PHE A 158 13.70 7.47 -21.04
C PHE A 158 15.21 7.34 -21.04
N GLN A 159 15.81 7.43 -19.86
CA GLN A 159 17.26 7.53 -19.74
C GLN A 159 17.86 6.37 -18.93
N PHE A 160 19.18 6.28 -18.94
CA PHE A 160 19.89 5.29 -18.17
C PHE A 160 20.13 5.81 -16.76
N GLN A 161 19.06 5.72 -15.95
CA GLN A 161 18.99 6.39 -14.67
C GLN A 161 18.14 5.56 -13.68
N PRO A 162 18.18 5.91 -12.39
CA PRO A 162 17.40 5.18 -11.38
C PRO A 162 15.91 5.25 -11.68
N THR A 163 15.25 4.09 -11.59
CA THR A 163 13.91 3.88 -12.09
C THR A 163 13.11 3.10 -11.04
N LYS A 164 11.85 3.46 -10.87
CA LYS A 164 10.90 2.68 -10.08
C LYS A 164 9.70 2.31 -10.93
N PHE A 165 9.24 1.08 -10.76
CA PHE A 165 8.00 0.62 -11.38
C PHE A 165 6.93 0.52 -10.30
N THR A 166 5.81 1.22 -10.53
CA THR A 166 4.63 1.20 -9.65
C THR A 166 3.50 0.45 -10.37
N PRO A 167 3.04 -0.68 -9.80
CA PRO A 167 2.00 -1.48 -10.45
C PRO A 167 0.62 -0.86 -10.31
N VAL A 168 -0.21 -1.01 -11.34
CA VAL A 168 -1.61 -0.58 -11.26
C VAL A 168 -2.57 -1.74 -11.43
N GLY A 169 -2.28 -2.62 -12.39
CA GLY A 169 -3.15 -3.76 -12.65
C GLY A 169 -2.43 -4.85 -13.42
N VAL A 170 -3.23 -5.78 -13.94
CA VAL A 170 -2.68 -6.93 -14.69
C VAL A 170 -3.50 -7.17 -15.94
N ASN A 171 -2.95 -7.96 -16.85
CA ASN A 171 -3.72 -8.44 -18.00
C ASN A 171 -3.08 -9.65 -18.62
N ASP A 172 -3.85 -10.27 -19.52
CA ASP A 172 -3.33 -11.20 -20.49
C ASP A 172 -2.36 -10.42 -21.37
N ASP A 173 -1.35 -11.09 -21.91
CA ASP A 173 -0.58 -10.51 -23.00
C ASP A 173 -1.40 -10.74 -24.28
N ASP A 174 -0.90 -10.27 -25.42
CA ASP A 174 -1.37 -10.82 -26.70
C ASP A 174 -0.45 -11.99 -27.07
N ASP A 175 -0.64 -12.57 -28.27
CA ASP A 175 0.21 -13.67 -28.73
C ASP A 175 -0.03 -14.91 -27.87
N GLY A 176 -1.26 -15.09 -27.42
CA GLY A 176 -1.60 -16.34 -26.75
C GLY A 176 -0.98 -16.60 -25.37
N HIS A 177 -0.55 -15.55 -24.65
CA HIS A 177 -0.07 -15.70 -23.29
C HIS A 177 -1.02 -15.15 -22.20
N PRO A 178 -1.87 -16.02 -21.63
CA PRO A 178 -2.91 -15.59 -20.72
C PRO A 178 -2.43 -15.26 -19.29
N PHE A 179 -3.24 -14.49 -18.57
CA PHE A 179 -2.98 -14.18 -17.18
C PHE A 179 -3.33 -15.43 -16.37
N ARG A 180 -2.34 -16.03 -15.72
CA ARG A 180 -2.52 -17.28 -14.97
C ARG A 180 -1.97 -17.09 -13.56
N GLN A 181 -2.88 -16.80 -12.64
CA GLN A 181 -2.47 -16.42 -11.28
C GLN A 181 -1.76 -17.52 -10.51
N TRP A 182 -1.98 -18.78 -10.88
CA TRP A 182 -1.39 -19.93 -10.15
C TRP A 182 -0.18 -20.56 -10.84
N GLU A 183 0.24 -19.99 -11.97
CA GLU A 183 1.46 -20.43 -12.66
C GLU A 183 2.61 -19.48 -12.33
N LEU A 184 3.67 -20.02 -11.71
CA LEU A 184 4.84 -19.23 -11.36
C LEU A 184 5.61 -18.89 -12.62
N PRO A 185 6.18 -17.66 -12.68
CA PRO A 185 7.07 -17.39 -13.78
C PRO A 185 8.41 -18.12 -13.59
N ASN A 186 9.24 -18.16 -14.62
CA ASN A 186 10.63 -18.57 -14.44
C ASN A 186 11.44 -17.38 -13.95
N TYR A 187 11.83 -17.38 -12.67
CA TYR A 187 12.56 -16.25 -12.10
C TYR A 187 13.97 -16.12 -12.67
N SER A 188 14.54 -17.21 -13.20
CA SER A 188 15.85 -17.17 -13.83
C SER A 188 15.82 -17.47 -15.31
N GLY A 189 14.68 -17.32 -15.94
CA GLY A 189 14.62 -17.59 -17.38
C GLY A 189 14.57 -19.07 -17.79
N GLU A 190 14.56 -19.28 -19.09
CA GLU A 190 13.83 -20.38 -19.71
C GLU A 190 14.11 -21.84 -19.29
N LEU A 191 15.36 -22.22 -19.05
CA LEU A 191 15.68 -23.64 -18.76
C LEU A 191 16.22 -23.89 -17.36
N THR A 192 15.89 -23.01 -16.42
CA THR A 192 16.47 -23.06 -15.09
C THR A 192 15.31 -23.20 -14.12
N LEU A 193 15.50 -24.05 -13.11
CA LEU A 193 14.44 -24.27 -12.14
C LEU A 193 14.44 -23.11 -11.17
N ASN A 194 13.27 -22.79 -10.65
CA ASN A 194 13.15 -21.85 -9.56
C ASN A 194 13.72 -22.49 -8.28
N MET A 195 14.27 -21.67 -7.40
CA MET A 195 14.91 -22.14 -6.16
C MET A 195 14.34 -21.42 -4.96
N ASN A 196 14.51 -22.03 -3.78
CA ASN A 196 14.15 -21.40 -2.50
C ASN A 196 12.67 -21.03 -2.41
N LEU A 197 11.82 -21.81 -3.08
CA LEU A 197 10.39 -21.49 -3.12
C LEU A 197 9.72 -21.80 -1.78
N ALA A 198 8.73 -20.99 -1.43
CA ALA A 198 7.78 -21.39 -0.38
C ALA A 198 7.02 -22.60 -0.91
N PRO A 199 6.76 -23.59 -0.04
CA PRO A 199 6.22 -24.86 -0.54
C PRO A 199 4.80 -24.76 -1.07
N PRO A 200 4.37 -25.72 -1.90
CA PRO A 200 2.97 -25.74 -2.33
C PRO A 200 2.05 -25.99 -1.14
N VAL A 201 0.81 -25.51 -1.23
CA VAL A 201 -0.15 -25.73 -0.16
C VAL A 201 -1.38 -26.43 -0.72
N ALA A 202 -1.96 -27.29 0.12
CA ALA A 202 -3.16 -28.03 -0.24
C ALA A 202 -3.79 -28.59 1.02
N PRO A 203 -5.12 -28.80 1.00
CA PRO A 203 -5.74 -29.42 2.14
C PRO A 203 -5.35 -30.88 2.20
N ASN A 204 -5.24 -31.42 3.43
CA ASN A 204 -4.86 -32.80 3.66
C ASN A 204 -6.00 -33.62 4.30
N PHE A 205 -7.07 -32.97 4.72
CA PHE A 205 -8.15 -33.62 5.44
C PHE A 205 -9.31 -33.80 4.46
N PRO A 206 -9.97 -34.97 4.49
CA PRO A 206 -11.07 -35.15 3.53
C PRO A 206 -12.21 -34.15 3.81
N GLY A 207 -12.83 -33.66 2.74
CA GLY A 207 -13.90 -32.69 2.84
C GLY A 207 -13.44 -31.23 2.93
N GLU A 208 -12.12 -31.00 2.94
CA GLU A 208 -11.59 -29.65 3.11
C GLU A 208 -11.11 -28.99 1.81
N GLN A 209 -11.30 -27.68 1.74
CA GLN A 209 -10.86 -26.86 0.60
C GLN A 209 -10.11 -25.65 1.13
N LEU A 210 -9.27 -25.05 0.28
CA LEU A 210 -8.62 -23.80 0.63
C LEU A 210 -9.64 -22.67 0.64
N LEU A 211 -9.48 -21.74 1.57
CA LEU A 211 -10.23 -20.48 1.59
C LEU A 211 -9.28 -19.33 1.22
N PHE A 212 -9.71 -18.48 0.28
CA PHE A 212 -8.90 -17.39 -0.25
C PHE A 212 -9.54 -16.04 0.06
N PHE A 213 -8.68 -15.04 0.24
CA PHE A 213 -9.11 -13.65 0.26
C PHE A 213 -8.97 -13.13 -1.16
N ARG A 214 -10.09 -12.79 -1.79
CA ARG A 214 -10.14 -12.48 -3.22
C ARG A 214 -10.24 -10.98 -3.51
N SER A 215 -9.49 -10.52 -4.53
CA SER A 215 -9.61 -9.14 -5.07
C SER A 215 -9.86 -9.17 -6.58
N PHE A 216 -10.61 -8.19 -7.07
CA PHE A 216 -10.79 -7.97 -8.50
C PHE A 216 -9.97 -6.75 -8.89
N VAL A 217 -8.79 -6.98 -9.45
CA VAL A 217 -7.82 -5.89 -9.69
C VAL A 217 -8.08 -5.27 -11.07
N PRO A 218 -7.55 -4.07 -11.30
CA PRO A 218 -7.75 -3.40 -12.59
C PRO A 218 -7.12 -4.14 -13.76
N CYS A 219 -7.79 -4.12 -14.91
CA CYS A 219 -7.19 -4.58 -16.16
C CYS A 219 -7.21 -3.44 -17.19
N SER A 220 -6.37 -3.57 -18.23
CA SER A 220 -6.12 -2.51 -19.19
C SER A 220 -6.68 -2.75 -20.61
N GLY A 221 -7.79 -3.46 -20.72
CA GLY A 221 -8.36 -3.80 -22.04
C GLY A 221 -8.94 -5.19 -22.01
N GLY A 222 -9.93 -5.46 -22.85
CA GLY A 222 -10.59 -6.76 -22.86
C GLY A 222 -11.48 -7.02 -21.66
N TYR A 223 -11.72 -8.28 -21.36
CA TYR A 223 -12.79 -8.66 -20.46
C TYR A 223 -12.33 -9.43 -19.22
N ASN A 224 -11.02 -9.52 -19.02
CA ASN A 224 -10.52 -10.29 -17.88
C ASN A 224 -11.07 -9.75 -16.56
N GLN A 225 -11.46 -10.66 -15.67
CA GLN A 225 -12.05 -10.32 -14.38
C GLN A 225 -11.06 -9.77 -13.34
N GLY A 226 -9.77 -9.94 -13.56
CA GLY A 226 -8.75 -9.42 -12.66
C GLY A 226 -8.65 -10.15 -11.33
N ILE A 227 -8.96 -11.45 -11.31
CA ILE A 227 -8.99 -12.21 -10.05
C ILE A 227 -7.58 -12.52 -9.55
N ILE A 228 -7.29 -12.09 -8.33
CA ILE A 228 -6.08 -12.46 -7.62
C ILE A 228 -6.48 -12.88 -6.21
N ASP A 229 -6.20 -14.14 -5.88
CA ASP A 229 -6.52 -14.76 -4.60
C ASP A 229 -5.27 -14.90 -3.74
N CYS A 230 -5.36 -14.50 -2.47
CA CYS A 230 -4.25 -14.69 -1.53
C CYS A 230 -4.66 -15.58 -0.35
N LEU A 231 -3.64 -16.16 0.29
CA LEU A 231 -3.83 -17.11 1.37
C LEU A 231 -4.16 -16.42 2.70
N ILE A 232 -3.42 -15.36 2.99
CA ILE A 232 -3.67 -14.52 4.15
C ILE A 232 -3.38 -13.08 3.72
N PRO A 233 -4.16 -12.14 4.24
CA PRO A 233 -3.96 -10.74 3.87
C PRO A 233 -2.67 -10.14 4.45
N GLN A 234 -2.21 -9.08 3.79
CA GLN A 234 -0.98 -8.42 4.20
C GLN A 234 -0.97 -8.00 5.68
N GLU A 235 -2.12 -7.54 6.21
CA GLU A 235 -2.19 -7.12 7.62
C GLU A 235 -1.99 -8.27 8.62
N TRP A 236 -2.39 -9.48 8.25
CA TRP A 236 -2.12 -10.62 9.12
C TRP A 236 -0.63 -10.92 9.10
N ILE A 237 -0.03 -10.84 7.92
CA ILE A 237 1.42 -11.07 7.78
C ILE A 237 2.17 -10.08 8.65
N GLN A 238 1.77 -8.81 8.58
CA GLN A 238 2.44 -7.75 9.37
C GLN A 238 2.28 -8.03 10.88
N HIS A 239 1.12 -8.54 11.26
CA HIS A 239 0.83 -8.86 12.66
C HIS A 239 1.64 -10.06 13.18
N PHE A 240 1.72 -11.13 12.40
CA PHE A 240 2.48 -12.32 12.79
C PHE A 240 3.97 -12.01 12.88
N TYR A 241 4.44 -11.15 11.99
CA TYR A 241 5.84 -10.69 12.03
C TYR A 241 6.18 -10.01 13.37
N GLN A 242 5.26 -9.17 13.88
CA GLN A 242 5.45 -8.48 15.14
C GLN A 242 5.38 -9.36 16.35
N GLU A 243 4.33 -10.19 16.39
CA GLU A 243 4.01 -10.95 17.58
C GLU A 243 5.02 -12.07 17.78
N SER A 244 5.34 -12.76 16.68
CA SER A 244 6.19 -13.95 16.73
C SER A 244 5.76 -14.86 17.89
N ALA A 245 4.45 -15.10 18.01
CA ALA A 245 3.92 -15.96 19.07
C ALA A 245 4.29 -17.41 18.78
N PRO A 246 4.90 -18.10 19.75
CA PRO A 246 5.22 -19.50 19.45
C PRO A 246 3.93 -20.26 19.18
N SER A 247 3.88 -20.95 18.05
CA SER A 247 2.72 -21.74 17.65
C SER A 247 2.66 -22.97 18.54
N GLN A 248 1.52 -23.20 19.20
CA GLN A 248 1.37 -24.34 20.10
C GLN A 248 1.09 -25.65 19.40
N SER A 249 0.55 -25.60 18.19
CA SER A 249 0.27 -26.81 17.43
C SER A 249 0.32 -26.51 15.94
N ASP A 250 0.02 -27.51 15.11
CA ASP A 250 0.05 -27.33 13.65
C ASP A 250 -1.12 -26.53 13.09
N VAL A 251 -2.15 -26.29 13.92
CA VAL A 251 -3.41 -25.73 13.43
C VAL A 251 -4.07 -24.86 14.48
N ALA A 252 -4.41 -23.63 14.07
CA ALA A 252 -5.16 -22.72 14.92
C ALA A 252 -6.62 -22.75 14.44
N LEU A 253 -7.56 -23.04 15.35
CA LEU A 253 -8.97 -22.98 15.02
C LEU A 253 -9.41 -21.52 15.07
N ILE A 254 -10.01 -21.05 13.97
CA ILE A 254 -10.48 -19.67 13.91
C ILE A 254 -11.98 -19.63 13.58
N ARG A 255 -12.65 -18.60 14.06
CA ARG A 255 -14.10 -18.40 13.87
C ARG A 255 -14.38 -17.05 13.22
N TYR A 256 -15.24 -17.05 12.20
CA TYR A 256 -15.69 -15.81 11.56
C TYR A 256 -16.90 -15.35 12.36
N VAL A 257 -16.82 -14.17 12.94
CA VAL A 257 -17.85 -13.70 13.84
C VAL A 257 -18.49 -12.45 13.31
N ASN A 258 -19.76 -12.27 13.63
CA ASN A 258 -20.44 -11.01 13.42
C ASN A 258 -20.41 -10.27 14.75
N PRO A 259 -19.62 -9.19 14.85
CA PRO A 259 -19.45 -8.52 16.14
C PRO A 259 -20.70 -7.80 16.67
N ASP A 260 -21.62 -7.42 15.77
CA ASP A 260 -22.87 -6.77 16.19
C ASP A 260 -23.76 -7.77 16.91
N THR A 261 -24.08 -8.86 16.22
CA THR A 261 -24.92 -9.91 16.78
C THR A 261 -24.17 -10.74 17.82
N GLY A 262 -22.84 -10.79 17.69
CA GLY A 262 -22.01 -11.55 18.60
C GLY A 262 -21.82 -13.02 18.23
N ARG A 263 -22.49 -13.47 17.18
CA ARG A 263 -22.52 -14.90 16.88
C ARG A 263 -21.50 -15.33 15.83
N THR A 264 -21.12 -16.60 15.92
CA THR A 264 -20.17 -17.20 14.99
C THR A 264 -20.89 -17.72 13.76
N LEU A 265 -20.38 -17.38 12.59
CA LEU A 265 -21.02 -17.72 11.33
C LEU A 265 -20.47 -19.00 10.73
N PHE A 266 -19.16 -19.21 10.86
CA PHE A 266 -18.52 -20.46 10.47
C PHE A 266 -17.13 -20.55 11.08
N GLU A 267 -16.51 -21.72 10.95
CA GLU A 267 -15.18 -21.96 11.53
C GLU A 267 -14.24 -22.46 10.47
N ALA A 268 -12.96 -22.35 10.75
CA ALA A 268 -11.95 -22.67 9.77
C ALA A 268 -10.65 -23.07 10.44
N LYS A 269 -9.78 -23.74 9.68
CA LYS A 269 -8.47 -24.12 10.18
C LYS A 269 -7.42 -23.18 9.61
N LEU A 270 -6.68 -22.53 10.48
CA LEU A 270 -5.52 -21.72 10.08
C LEU A 270 -4.26 -22.52 10.36
N HIS A 271 -3.61 -22.97 9.31
CA HIS A 271 -2.46 -23.84 9.44
C HIS A 271 -1.17 -23.07 9.78
N ARG A 272 -0.30 -23.71 10.57
CA ARG A 272 0.98 -23.16 11.00
C ARG A 272 1.77 -22.50 9.85
N SER A 273 1.73 -23.08 8.67
CA SER A 273 2.51 -22.55 7.55
C SER A 273 1.85 -21.37 6.81
N GLY A 274 0.65 -20.97 7.25
CA GLY A 274 0.02 -19.72 6.82
C GLY A 274 -1.00 -19.81 5.71
N TYR A 275 -1.95 -20.74 5.83
CA TYR A 275 -3.10 -20.78 4.91
C TYR A 275 -4.31 -21.32 5.66
N ILE A 276 -5.49 -21.15 5.05
CA ILE A 276 -6.75 -21.48 5.71
C ILE A 276 -7.49 -22.57 4.95
N THR A 277 -8.08 -23.51 5.69
CA THR A 277 -8.98 -24.49 5.07
C THR A 277 -10.34 -24.47 5.72
N VAL A 278 -11.35 -24.81 4.94
CA VAL A 278 -12.72 -24.91 5.41
C VAL A 278 -13.34 -26.22 4.93
N ALA A 279 -14.38 -26.68 5.63
CA ALA A 279 -15.13 -27.87 5.24
C ALA A 279 -16.24 -27.51 4.27
N HIS A 280 -16.01 -27.74 2.98
CA HIS A 280 -16.98 -27.39 1.96
C HIS A 280 -16.63 -28.12 0.68
N SER A 281 -17.62 -28.33 -0.17
CA SER A 281 -17.42 -28.97 -1.47
C SER A 281 -17.91 -28.06 -2.60
N GLY A 282 -16.98 -27.62 -3.46
CA GLY A 282 -17.31 -26.81 -4.64
C GLY A 282 -16.81 -25.38 -4.56
N ASP A 283 -16.65 -24.75 -5.74
CA ASP A 283 -16.34 -23.32 -5.84
C ASP A 283 -17.50 -22.53 -5.26
N TYR A 284 -17.21 -21.64 -4.33
CA TYR A 284 -18.24 -20.84 -3.69
C TYR A 284 -17.70 -19.48 -3.23
N PRO A 285 -18.22 -18.38 -3.81
CA PRO A 285 -18.01 -17.05 -3.27
C PRO A 285 -18.85 -16.85 -2.02
N LEU A 286 -18.22 -16.64 -0.88
CA LEU A 286 -18.94 -16.53 0.38
C LEU A 286 -19.80 -15.26 0.44
N VAL A 287 -20.98 -15.38 1.02
CA VAL A 287 -21.83 -14.22 1.29
C VAL A 287 -21.92 -14.07 2.81
N VAL A 288 -21.31 -13.00 3.31
CA VAL A 288 -21.16 -12.78 4.74
C VAL A 288 -21.38 -11.30 5.03
N PRO A 289 -21.81 -10.97 6.26
CA PRO A 289 -22.06 -9.57 6.57
C PRO A 289 -20.79 -8.74 6.55
N ALA A 290 -20.93 -7.47 6.14
CA ALA A 290 -19.79 -6.59 5.89
C ALA A 290 -18.94 -6.31 7.12
N ASN A 291 -19.54 -6.40 8.31
CA ASN A 291 -18.82 -6.18 9.56
C ASN A 291 -18.04 -7.39 10.11
N GLY A 292 -18.07 -8.51 9.40
CA GLY A 292 -17.52 -9.76 9.96
C GLY A 292 -16.00 -9.82 9.94
N HIS A 293 -15.44 -10.62 10.85
CA HIS A 293 -14.00 -10.85 10.90
C HIS A 293 -13.66 -12.17 11.58
N PHE A 294 -12.48 -12.70 11.30
CA PHE A 294 -11.98 -13.89 11.98
C PHE A 294 -11.44 -13.58 13.38
N ARG A 295 -11.62 -14.53 14.30
CA ARG A 295 -11.03 -14.46 15.64
C ARG A 295 -10.38 -15.81 15.95
N PHE A 296 -9.26 -15.78 16.66
CA PHE A 296 -8.60 -17.01 17.10
C PHE A 296 -9.43 -17.65 18.22
N ASP A 297 -9.65 -18.96 18.13
CA ASP A 297 -10.38 -19.68 19.15
C ASP A 297 -9.42 -20.47 20.04
N SER A 298 -8.75 -21.45 19.45
CA SER A 298 -7.91 -22.37 20.22
C SER A 298 -6.95 -23.14 19.31
N TRP A 299 -5.92 -23.72 19.90
CA TRP A 299 -5.00 -24.60 19.15
C TRP A 299 -5.56 -26.00 19.13
N VAL A 300 -5.66 -26.57 17.93
CA VAL A 300 -6.16 -27.92 17.72
C VAL A 300 -5.09 -28.66 16.91
N ASN A 301 -5.46 -29.76 16.27
CA ASN A 301 -4.47 -30.49 15.51
C ASN A 301 -5.04 -30.91 14.16
N GLN A 302 -4.23 -31.62 13.40
CA GLN A 302 -4.59 -32.03 12.05
C GLN A 302 -5.88 -32.81 11.99
N PHE A 303 -6.24 -33.52 13.07
CA PHE A 303 -7.39 -34.41 13.03
C PHE A 303 -8.69 -33.71 13.41
N TYR A 304 -8.63 -32.42 13.75
CA TYR A 304 -9.82 -31.69 14.15
C TYR A 304 -10.81 -31.64 13.00
N SER A 305 -12.07 -31.92 13.32
CA SER A 305 -13.12 -32.02 12.32
C SER A 305 -13.95 -30.75 12.33
N LEU A 306 -13.92 -30.01 11.22
CA LEU A 306 -14.63 -28.74 11.12
C LEU A 306 -16.13 -28.94 10.89
N ALA A 307 -16.94 -28.14 11.55
CA ALA A 307 -18.35 -28.02 11.19
C ALA A 307 -18.41 -27.54 9.73
N PRO A 308 -19.35 -28.09 8.93
CA PRO A 308 -19.49 -27.66 7.55
C PRO A 308 -19.64 -26.14 7.45
N MET A 309 -18.94 -25.54 6.50
CA MET A 309 -19.03 -24.10 6.27
C MET A 309 -20.33 -23.81 5.54
N LYS B 4 -3.98 -2.39 26.66
CA LYS B 4 -3.87 -1.69 27.98
C LYS B 4 -2.54 -0.93 28.14
N PRO B 5 -1.38 -1.63 28.22
CA PRO B 5 -0.13 -0.88 28.17
C PRO B 5 0.19 -0.42 26.74
N PHE B 6 0.61 0.84 26.59
CA PHE B 6 0.92 1.42 25.29
C PHE B 6 2.21 0.86 24.67
N SER B 7 2.25 0.80 23.33
CA SER B 7 3.44 0.33 22.64
C SER B 7 3.50 0.83 21.20
N LEU B 8 4.67 0.65 20.58
CA LEU B 8 4.85 0.90 19.14
C LEU B 8 5.13 -0.41 18.44
N PRO B 9 4.79 -0.51 17.14
CA PRO B 9 5.27 -1.68 16.41
C PRO B 9 6.79 -1.55 16.20
N ILE B 10 7.49 -2.68 16.11
CA ILE B 10 8.95 -2.69 15.95
C ILE B 10 9.29 -2.78 14.47
N LEU B 11 9.63 -1.65 13.86
CA LEU B 11 9.83 -1.59 12.43
C LEU B 11 10.92 -0.56 12.07
N THR B 12 11.83 -0.94 11.19
CA THR B 12 12.86 -0.03 10.65
C THR B 12 12.24 0.92 9.64
N LEU B 13 12.96 1.95 9.24
CA LEU B 13 12.42 2.95 8.32
C LEU B 13 12.00 2.35 6.99
N SER B 14 12.80 1.42 6.48
CA SER B 14 12.47 0.79 5.21
C SER B 14 11.29 -0.17 5.35
N GLU B 15 10.90 -0.50 6.58
CA GLU B 15 9.70 -1.28 6.86
C GLU B 15 8.48 -0.43 7.17
N LEU B 16 8.55 0.88 6.88
CA LEU B 16 7.44 1.81 7.18
C LEU B 16 6.92 2.50 5.93
N THR B 17 5.63 2.80 5.94
CA THR B 17 4.90 3.39 4.82
C THR B 17 4.50 4.80 5.22
N ASN B 18 4.64 5.74 4.29
CA ASN B 18 4.21 7.10 4.50
C ASN B 18 2.70 7.17 4.62
N SER B 19 2.21 7.88 5.62
CA SER B 19 0.74 7.97 5.81
C SER B 19 0.07 9.03 4.94
N ARG B 20 0.84 9.81 4.18
CA ARG B 20 0.25 10.82 3.31
C ARG B 20 0.41 10.57 1.80
N PHE B 21 1.17 9.54 1.46
CA PHE B 21 1.31 9.11 0.08
C PHE B 21 1.79 7.65 0.09
N PRO B 22 1.25 6.80 -0.81
CA PRO B 22 1.55 5.37 -0.64
C PRO B 22 2.93 4.90 -1.12
N VAL B 23 3.97 5.30 -0.39
CA VAL B 23 5.35 4.89 -0.65
C VAL B 23 6.05 4.61 0.69
N PRO B 24 7.21 3.91 0.64
CA PRO B 24 8.00 3.71 1.86
C PRO B 24 8.58 5.01 2.40
N ILE B 25 8.88 5.02 3.70
CA ILE B 25 9.64 6.09 4.32
C ILE B 25 11.09 5.98 3.87
N ASP B 26 11.69 7.12 3.52
CA ASP B 26 13.09 7.18 3.11
C ASP B 26 14.01 7.64 4.23
N SER B 27 13.55 8.57 5.05
CA SER B 27 14.42 9.16 6.08
C SER B 27 13.64 9.92 7.14
N LEU B 28 14.36 10.31 8.19
CA LEU B 28 13.80 11.19 9.21
C LEU B 28 14.29 12.62 9.01
N PHE B 29 13.43 13.58 9.31
CA PHE B 29 13.74 14.99 9.10
C PHE B 29 13.12 15.84 10.20
N THR B 30 13.92 16.73 10.78
CA THR B 30 13.37 17.73 11.69
C THR B 30 13.46 19.08 11.01
N ALA B 31 12.40 19.86 11.16
CA ALA B 31 12.27 21.12 10.44
C ALA B 31 12.31 22.29 11.41
N GLN B 32 12.93 23.37 10.97
CA GLN B 32 12.90 24.61 11.71
C GLN B 32 11.48 25.12 11.84
N ASN B 33 11.15 25.67 13.00
CA ASN B 33 9.84 26.24 13.24
C ASN B 33 9.57 27.44 12.34
N ASN B 34 8.38 27.45 11.76
CA ASN B 34 8.01 28.32 10.65
C ASN B 34 6.62 28.91 10.94
N VAL B 35 6.31 30.02 10.28
CA VAL B 35 5.00 30.70 10.46
C VAL B 35 3.80 29.93 9.86
N LEU B 36 4.11 29.20 8.79
CA LEU B 36 3.12 28.42 8.09
C LEU B 36 2.85 27.11 8.81
N GLN B 37 1.57 26.81 8.97
CA GLN B 37 1.12 25.72 9.80
C GLN B 37 1.11 24.36 9.17
N VAL B 38 1.35 23.34 9.96
CA VAL B 38 1.18 22.01 9.49
C VAL B 38 -0.16 21.52 9.96
N GLN B 39 -1.00 21.17 9.01
CA GLN B 39 -2.36 20.72 9.27
C GLN B 39 -2.83 19.68 8.25
N CYS B 40 -1.99 18.68 7.99
CA CYS B 40 -2.38 17.58 7.14
C CYS B 40 -3.58 16.83 7.70
N GLN B 41 -4.34 16.24 6.78
CA GLN B 41 -5.57 15.55 7.12
C GLN B 41 -5.44 14.05 6.94
N ASN B 42 -4.48 13.60 6.13
CA ASN B 42 -4.11 12.19 6.11
C ASN B 42 -3.00 11.99 7.13
N GLY B 43 -2.88 10.77 7.64
CA GLY B 43 -1.86 10.45 8.64
C GLY B 43 -2.13 11.08 9.99
N ARG B 44 -3.39 11.16 10.39
CA ARG B 44 -3.79 11.77 11.66
C ARG B 44 -4.52 10.74 12.51
N CYS B 45 -3.99 10.50 13.71
CA CYS B 45 -4.49 9.46 14.59
C CYS B 45 -3.99 9.75 16.00
N THR B 46 -4.87 9.61 16.99
CA THR B 46 -4.46 9.76 18.39
C THR B 46 -3.77 8.49 18.86
N LEU B 47 -3.05 8.58 19.98
CA LEU B 47 -2.33 7.44 20.51
C LEU B 47 -3.26 6.36 21.07
N ASP B 48 -4.49 6.73 21.43
CA ASP B 48 -5.49 5.73 21.82
C ASP B 48 -6.30 5.22 20.62
N GLY B 49 -5.94 5.64 19.41
CA GLY B 49 -6.42 4.98 18.18
C GLY B 49 -7.65 5.56 17.51
N GLU B 50 -7.88 6.85 17.70
CA GLU B 50 -8.96 7.56 17.01
C GLU B 50 -8.43 8.20 15.73
N LEU B 51 -8.85 7.71 14.57
CA LEU B 51 -8.44 8.30 13.29
C LEU B 51 -9.09 9.64 13.15
N GLN B 52 -8.38 10.62 12.57
CA GLN B 52 -8.90 11.98 12.38
C GLN B 52 -8.73 12.44 10.93
N GLY B 53 -9.37 13.56 10.59
CA GLY B 53 -9.22 14.14 9.24
C GLY B 53 -9.79 13.20 8.20
N THR B 54 -9.02 12.97 7.13
CA THR B 54 -9.44 12.08 6.04
C THR B 54 -8.73 10.72 6.16
N THR B 55 -8.22 10.42 7.35
CA THR B 55 -7.37 9.25 7.54
C THR B 55 -8.17 7.98 7.54
N GLN B 56 -7.71 6.99 6.77
CA GLN B 56 -8.26 5.65 6.78
C GLN B 56 -7.10 4.67 6.90
N LEU B 57 -7.38 3.36 6.94
CA LEU B 57 -6.36 2.38 7.36
C LEU B 57 -5.44 1.81 6.27
N LEU B 58 -5.87 1.81 5.02
CA LEU B 58 -5.14 1.10 3.94
C LEU B 58 -4.14 1.97 3.22
N PRO B 59 -2.88 1.51 3.10
CA PRO B 59 -1.92 2.25 2.28
C PRO B 59 -2.43 2.49 0.88
N SER B 60 -3.14 1.50 0.32
CA SER B 60 -3.68 1.63 -1.03
C SER B 60 -4.88 2.60 -1.12
N GLY B 61 -5.37 3.10 0.01
CA GLY B 61 -6.42 4.13 0.01
C GLY B 61 -5.90 5.55 -0.03
N ILE B 62 -4.61 5.73 0.23
CA ILE B 62 -4.07 7.08 0.40
C ILE B 62 -3.93 7.77 -0.96
N CYS B 63 -4.61 8.90 -1.14
CA CYS B 63 -4.65 9.65 -2.41
C CYS B 63 -5.29 8.88 -3.58
N ALA B 64 -6.17 7.93 -3.25
CA ALA B 64 -6.91 7.19 -4.26
C ALA B 64 -8.33 7.69 -4.31
N PHE B 65 -9.00 7.45 -5.43
CA PHE B 65 -10.42 7.72 -5.57
C PHE B 65 -11.14 6.53 -6.17
N ARG B 66 -12.42 6.41 -5.87
CA ARG B 66 -13.28 5.39 -6.45
C ARG B 66 -14.63 6.01 -6.74
N GLY B 67 -15.23 5.64 -7.87
CA GLY B 67 -16.55 6.17 -8.19
C GLY B 67 -17.01 5.79 -9.58
N ARG B 68 -17.79 6.68 -10.17
CA ARG B 68 -18.34 6.53 -11.53
C ARG B 68 -18.09 7.83 -12.29
N VAL B 69 -17.65 7.71 -13.55
CA VAL B 69 -17.56 8.88 -14.42
C VAL B 69 -18.93 9.12 -15.03
N THR B 70 -19.45 10.35 -14.93
CA THR B 70 -20.84 10.60 -15.30
C THR B 70 -21.04 11.68 -16.37
N ALA B 71 -20.00 12.44 -16.69
CA ALA B 71 -20.14 13.55 -17.63
C ALA B 71 -18.78 14.09 -18.02
N GLN B 72 -18.74 14.84 -19.12
CA GLN B 72 -17.54 15.60 -19.44
C GLN B 72 -17.91 17.04 -19.73
N ILE B 73 -16.95 17.93 -19.50
CA ILE B 73 -17.14 19.35 -19.71
C ILE B 73 -16.02 19.88 -20.58
N ASN B 74 -16.26 21.06 -21.15
CA ASN B 74 -15.33 21.68 -22.08
C ASN B 74 -14.25 22.48 -21.34
N GLN B 75 -13.53 21.80 -20.44
CA GLN B 75 -12.50 22.41 -19.61
C GLN B 75 -11.34 21.44 -19.51
N ARG B 76 -10.18 21.93 -19.12
CA ARG B 76 -9.01 21.07 -18.97
C ARG B 76 -9.30 19.90 -18.02
N ASP B 77 -9.96 20.20 -16.89
CA ASP B 77 -10.45 19.16 -15.96
C ASP B 77 -11.77 18.64 -16.51
N ARG B 78 -11.65 17.70 -17.44
CA ARG B 78 -12.72 17.38 -18.37
C ARG B 78 -13.74 16.37 -17.88
N TRP B 79 -13.28 15.35 -17.16
CA TRP B 79 -14.13 14.21 -16.87
C TRP B 79 -14.64 14.21 -15.43
N HIS B 80 -15.96 14.30 -15.27
CA HIS B 80 -16.59 14.43 -13.96
C HIS B 80 -16.76 13.06 -13.29
N MET B 81 -16.10 12.87 -12.15
CA MET B 81 -16.13 11.61 -11.40
C MET B 81 -16.91 11.77 -10.09
N GLN B 82 -18.07 11.14 -10.01
CA GLN B 82 -18.90 11.16 -8.82
C GLN B 82 -18.32 10.11 -7.89
N LEU B 83 -17.99 10.50 -6.66
CA LEU B 83 -17.21 9.63 -5.77
C LEU B 83 -18.07 8.73 -4.90
N GLN B 84 -17.50 7.57 -4.58
CA GLN B 84 -17.97 6.68 -3.54
C GLN B 84 -16.90 6.66 -2.45
N ASN B 85 -17.22 6.04 -1.33
CA ASN B 85 -16.17 5.73 -0.36
C ASN B 85 -15.25 4.68 -1.00
N LEU B 86 -14.00 4.62 -0.54
CA LEU B 86 -13.04 3.71 -1.13
C LEU B 86 -13.46 2.24 -1.09
N ASN B 87 -14.28 1.83 -0.12
CA ASN B 87 -14.78 0.45 -0.11
C ASN B 87 -15.99 0.22 -1.04
N GLY B 88 -16.37 1.22 -1.82
CA GLY B 88 -17.45 1.07 -2.77
C GLY B 88 -18.83 1.47 -2.26
N THR B 89 -18.96 1.77 -0.96
CA THR B 89 -20.24 2.23 -0.40
C THR B 89 -20.53 3.69 -0.74
N THR B 90 -21.80 4.08 -0.61
CA THR B 90 -22.25 5.42 -0.99
C THR B 90 -21.64 6.48 -0.09
N TYR B 91 -21.13 7.54 -0.70
CA TYR B 91 -20.51 8.62 0.04
C TYR B 91 -21.60 9.57 0.53
N ASP B 92 -21.55 9.93 1.81
CA ASP B 92 -22.49 10.91 2.39
C ASP B 92 -21.83 12.27 2.64
N PRO B 93 -22.19 13.30 1.84
CA PRO B 93 -21.59 14.63 2.01
C PRO B 93 -21.82 15.30 3.36
N THR B 94 -22.83 14.85 4.11
CA THR B 94 -23.13 15.45 5.41
C THR B 94 -22.40 14.78 6.57
N ASP B 95 -21.60 13.75 6.27
CA ASP B 95 -20.76 13.09 7.28
C ASP B 95 -19.74 14.07 7.86
N ASP B 96 -19.30 13.84 9.10
CA ASP B 96 -18.43 14.80 9.82
C ASP B 96 -16.95 14.58 9.50
N VAL B 97 -16.62 14.65 8.22
CA VAL B 97 -15.24 14.56 7.75
C VAL B 97 -14.99 15.73 6.79
N PRO B 98 -13.72 16.09 6.56
CA PRO B 98 -13.43 17.16 5.60
C PRO B 98 -13.73 16.79 4.14
N ALA B 99 -13.69 15.49 3.85
CA ALA B 99 -13.78 14.94 2.50
C ALA B 99 -13.83 13.43 2.62
N PRO B 100 -14.15 12.72 1.52
CA PRO B 100 -14.03 11.26 1.60
C PRO B 100 -12.66 10.82 2.09
N LEU B 101 -12.63 9.75 2.88
CA LEU B 101 -11.37 9.29 3.44
C LEU B 101 -10.40 8.90 2.32
N GLY B 102 -9.13 9.26 2.50
CA GLY B 102 -8.10 9.04 1.45
C GLY B 102 -7.82 10.20 0.50
N THR B 103 -8.73 11.18 0.44
CA THR B 103 -8.58 12.37 -0.42
C THR B 103 -7.24 13.04 -0.18
N PRO B 104 -6.56 13.46 -1.26
CA PRO B 104 -5.29 14.18 -1.04
C PRO B 104 -5.43 15.43 -0.16
N ASP B 105 -4.41 15.69 0.66
CA ASP B 105 -4.44 16.81 1.61
C ASP B 105 -3.43 17.91 1.29
N PHE B 106 -3.15 18.12 0.01
CA PHE B 106 -2.17 19.11 -0.41
C PHE B 106 -2.54 19.73 -1.75
N LYS B 107 -1.94 20.89 -2.01
CA LYS B 107 -2.11 21.57 -3.29
C LYS B 107 -1.08 21.06 -4.27
N GLY B 108 -1.55 20.65 -5.44
CA GLY B 108 -0.66 20.12 -6.47
C GLY B 108 -1.44 19.30 -7.48
N VAL B 109 -0.70 18.56 -8.30
CA VAL B 109 -1.30 17.62 -9.24
C VAL B 109 -0.84 16.23 -8.80
N VAL B 110 -1.78 15.32 -8.63
CA VAL B 110 -1.46 13.91 -8.41
C VAL B 110 -1.58 13.24 -9.78
N PHE B 111 -0.52 12.56 -10.19
CA PHE B 111 -0.55 11.76 -11.43
C PHE B 111 -0.59 10.27 -11.09
N GLY B 112 -1.20 9.50 -11.98
CA GLY B 112 -1.29 8.07 -11.84
C GLY B 112 -2.07 7.51 -13.00
N MET B 113 -2.89 6.49 -12.71
CA MET B 113 -3.70 5.88 -13.73
C MET B 113 -5.17 5.75 -13.33
N VAL B 114 -6.03 5.88 -14.32
CA VAL B 114 -7.43 5.55 -14.14
C VAL B 114 -7.68 4.21 -14.83
N SER B 115 -8.56 3.43 -14.23
CA SER B 115 -9.00 2.19 -14.80
C SER B 115 -10.52 2.09 -14.66
N GLN B 116 -11.15 1.46 -15.66
CA GLN B 116 -12.59 1.29 -15.67
C GLN B 116 -12.93 -0.19 -15.87
N ARG B 117 -14.09 -0.57 -15.34
CA ARG B 117 -14.66 -1.91 -15.55
C ARG B 117 -16.17 -1.77 -15.66
N ASN B 118 -16.69 -1.95 -16.88
CA ASN B 118 -18.10 -1.72 -17.16
C ASN B 118 -19.02 -2.65 -16.38
N VAL B 119 -20.20 -2.13 -16.02
CA VAL B 119 -21.29 -2.93 -15.48
C VAL B 119 -22.57 -2.52 -16.21
N GLY B 120 -23.61 -3.31 -16.07
CA GLY B 120 -24.90 -3.03 -16.70
C GLY B 120 -24.99 -3.49 -18.15
N ASN B 121 -25.62 -2.67 -18.99
CA ASN B 121 -25.98 -3.10 -20.36
C ASN B 121 -24.94 -2.81 -21.44
N ASP B 122 -24.02 -1.88 -21.20
CA ASP B 122 -23.04 -1.48 -22.20
C ASP B 122 -21.74 -2.26 -22.00
N ALA B 123 -21.57 -3.32 -22.80
CA ALA B 123 -20.35 -4.15 -22.78
C ALA B 123 -19.85 -4.50 -21.36
N PRO B 124 -20.69 -5.16 -20.55
CA PRO B 124 -20.32 -5.45 -19.16
C PRO B 124 -19.06 -6.30 -19.06
N GLY B 125 -18.14 -5.93 -18.16
CA GLY B 125 -16.88 -6.64 -18.04
C GLY B 125 -15.76 -6.01 -18.84
N SER B 126 -16.08 -5.16 -19.82
CA SER B 126 -15.01 -4.54 -20.62
C SER B 126 -14.21 -3.56 -19.78
N THR B 127 -12.90 -3.51 -20.03
CA THR B 127 -11.99 -2.71 -19.23
C THR B 127 -11.14 -1.80 -20.08
N ARG B 128 -10.52 -0.82 -19.43
CA ARG B 128 -9.55 0.07 -20.05
C ARG B 128 -8.79 0.79 -18.95
N ALA B 129 -7.55 1.19 -19.24
CA ALA B 129 -6.76 2.00 -18.31
C ALA B 129 -5.85 2.95 -19.05
N GLN B 130 -5.58 4.10 -18.44
CA GLN B 130 -4.63 5.05 -19.01
C GLN B 130 -4.15 6.02 -17.97
N GLN B 131 -3.15 6.81 -18.36
CA GLN B 131 -2.62 7.86 -17.51
C GLN B 131 -3.67 8.92 -17.21
N ALA B 132 -3.67 9.41 -15.98
CA ALA B 132 -4.54 10.50 -15.58
C ALA B 132 -3.89 11.39 -14.53
N TRP B 133 -4.50 12.56 -14.35
CA TRP B 133 -4.04 13.59 -13.43
C TRP B 133 -5.23 14.16 -12.69
N VAL B 134 -5.04 14.44 -11.41
CA VAL B 134 -6.05 15.14 -10.63
C VAL B 134 -5.38 16.39 -10.08
N SER B 135 -5.87 17.55 -10.47
CA SER B 135 -5.34 18.81 -9.91
C SER B 135 -6.17 19.19 -8.70
N THR B 136 -5.53 19.37 -7.56
CA THR B 136 -6.28 19.81 -6.35
C THR B 136 -6.47 21.33 -6.31
N TYR B 137 -5.91 22.04 -7.30
CA TYR B 137 -6.21 23.47 -7.50
C TYR B 137 -7.49 23.68 -8.29
N SER B 138 -7.95 22.66 -9.01
CA SER B 138 -9.08 22.80 -9.95
C SER B 138 -10.36 23.31 -9.29
N PRO B 139 -11.11 24.18 -9.97
CA PRO B 139 -12.43 24.55 -9.42
C PRO B 139 -13.39 23.36 -9.36
N GLN B 140 -13.09 22.29 -10.10
CA GLN B 140 -13.91 21.09 -10.07
C GLN B 140 -13.42 20.06 -9.06
N PHE B 141 -12.36 20.36 -8.33
CA PHE B 141 -11.94 19.51 -7.23
C PHE B 141 -12.83 19.85 -6.03
N VAL B 142 -13.93 19.11 -5.89
CA VAL B 142 -14.89 19.36 -4.82
C VAL B 142 -15.27 18.06 -4.13
N PRO B 143 -14.27 17.31 -3.66
CA PRO B 143 -14.52 15.98 -3.06
C PRO B 143 -15.50 15.96 -1.89
N LYS B 144 -15.52 17.00 -1.04
CA LYS B 144 -16.50 17.09 0.05
C LYS B 144 -17.95 17.09 -0.51
N LEU B 145 -18.15 17.76 -1.63
CA LEU B 145 -19.45 17.81 -2.28
C LEU B 145 -19.77 16.50 -3.00
N GLY B 146 -18.74 15.71 -3.28
CA GLY B 146 -18.90 14.37 -3.84
C GLY B 146 -18.32 14.14 -5.22
N SER B 147 -17.53 15.08 -5.74
CA SER B 147 -16.90 14.86 -7.06
C SER B 147 -15.52 15.51 -7.27
N VAL B 148 -14.74 14.93 -8.18
CA VAL B 148 -13.55 15.54 -8.71
C VAL B 148 -13.57 15.38 -10.23
N ASN B 149 -12.85 16.24 -10.94
CA ASN B 149 -12.75 16.09 -12.39
C ASN B 149 -11.34 15.65 -12.74
N LEU B 150 -11.23 14.78 -13.73
CA LEU B 150 -9.95 14.20 -14.14
C LEU B 150 -9.51 14.74 -15.49
N ARG B 151 -8.19 14.88 -15.65
CA ARG B 151 -7.56 15.03 -16.95
C ARG B 151 -6.98 13.66 -17.34
N ILE B 152 -7.16 13.26 -18.60
CA ILE B 152 -6.65 11.96 -19.07
C ILE B 152 -5.88 12.16 -20.37
N SER B 153 -5.14 11.14 -20.77
CA SER B 153 -4.31 11.26 -21.98
C SER B 153 -5.05 10.94 -23.29
N ASP B 154 -6.09 10.13 -23.23
CA ASP B 154 -6.84 9.70 -24.43
C ASP B 154 -8.35 9.84 -24.24
N ASN B 155 -8.86 10.99 -24.68
CA ASN B 155 -10.27 11.33 -24.49
C ASN B 155 -11.25 10.49 -25.32
N ASP B 156 -10.73 9.70 -26.26
CA ASP B 156 -11.58 8.84 -27.09
C ASP B 156 -11.80 7.43 -26.53
N ASP B 157 -11.14 7.07 -25.43
CA ASP B 157 -11.30 5.73 -24.85
C ASP B 157 -11.64 5.80 -23.37
N PHE B 158 -12.77 6.41 -23.06
CA PHE B 158 -13.17 6.61 -21.67
C PHE B 158 -14.67 6.70 -21.63
N GLN B 159 -15.30 5.92 -20.75
CA GLN B 159 -16.75 5.78 -20.72
C GLN B 159 -17.40 6.22 -19.41
N PHE B 160 -18.73 6.31 -19.42
CA PHE B 160 -19.47 6.65 -18.21
C PHE B 160 -19.74 5.40 -17.38
N GLN B 161 -18.70 4.99 -16.66
CA GLN B 161 -18.63 3.68 -16.04
C GLN B 161 -17.85 3.75 -14.72
N PRO B 162 -17.92 2.69 -13.91
CA PRO B 162 -17.16 2.65 -12.66
C PRO B 162 -15.65 2.78 -12.88
N THR B 163 -15.02 3.64 -12.10
CA THR B 163 -13.67 4.11 -12.35
C THR B 163 -12.89 4.13 -11.01
N LYS B 164 -11.62 3.76 -11.07
CA LYS B 164 -10.70 3.91 -9.94
C LYS B 164 -9.49 4.71 -10.38
N PHE B 165 -9.05 5.60 -9.50
CA PHE B 165 -7.81 6.32 -9.68
C PHE B 165 -6.77 5.75 -8.73
N THR B 166 -5.64 5.33 -9.29
CA THR B 166 -4.49 4.82 -8.55
C THR B 166 -3.35 5.85 -8.67
N PRO B 167 -2.91 6.41 -7.54
CA PRO B 167 -1.86 7.44 -7.56
C PRO B 167 -0.47 6.85 -7.77
N VAL B 168 0.38 7.56 -8.48
CA VAL B 168 1.79 7.15 -8.66
C VAL B 168 2.75 8.20 -8.10
N GLY B 169 2.46 9.47 -8.35
CA GLY B 169 3.33 10.54 -7.89
C GLY B 169 2.64 11.87 -7.86
N VAL B 170 3.43 12.93 -7.71
CA VAL B 170 2.89 14.28 -7.67
C VAL B 170 3.74 15.22 -8.54
N ASN B 171 3.20 16.40 -8.84
CA ASN B 171 4.01 17.45 -9.44
C ASN B 171 3.38 18.80 -9.26
N ASP B 172 4.17 19.81 -9.58
CA ASP B 172 3.66 21.14 -9.83
C ASP B 172 2.76 21.03 -11.05
N ASP B 173 1.76 21.88 -11.14
CA ASP B 173 1.02 22.00 -12.40
C ASP B 173 1.90 22.71 -13.44
N ASP B 174 1.53 22.65 -14.70
CA ASP B 174 2.38 23.18 -15.77
C ASP B 174 1.97 24.60 -16.19
N ASP B 175 1.00 25.18 -15.47
CA ASP B 175 0.60 26.56 -15.67
C ASP B 175 1.01 27.45 -14.49
N GLY B 176 2.01 27.00 -13.73
CA GLY B 176 2.57 27.71 -12.58
C GLY B 176 2.24 27.17 -11.20
N HIS B 177 0.99 26.76 -10.99
CA HIS B 177 0.47 26.34 -9.66
C HIS B 177 1.37 25.29 -8.99
N PRO B 178 2.11 25.66 -7.94
CA PRO B 178 3.13 24.77 -7.38
C PRO B 178 2.64 23.67 -6.44
N PHE B 179 3.44 22.63 -6.30
CA PHE B 179 3.17 21.55 -5.35
C PHE B 179 3.51 22.09 -3.95
N ARG B 180 2.51 22.18 -3.09
CA ARG B 180 2.67 22.73 -1.74
C ARG B 180 2.09 21.74 -0.73
N GLN B 181 2.96 20.91 -0.18
CA GLN B 181 2.53 19.83 0.70
C GLN B 181 1.81 20.28 1.97
N TRP B 182 2.06 21.51 2.42
CA TRP B 182 1.42 22.02 3.67
C TRP B 182 0.21 22.93 3.47
N GLU B 183 -0.18 23.16 2.21
CA GLU B 183 -1.37 23.93 1.89
C GLU B 183 -2.52 23.01 1.57
N LEU B 184 -3.59 23.11 2.35
CA LEU B 184 -4.78 22.27 2.13
C LEU B 184 -5.54 22.73 0.91
N PRO B 185 -6.09 21.78 0.15
CA PRO B 185 -6.97 22.22 -0.93
C PRO B 185 -8.31 22.69 -0.36
N ASN B 186 -9.10 23.37 -1.19
CA ASN B 186 -10.50 23.67 -0.82
C ASN B 186 -11.36 22.46 -1.17
N TYR B 187 -11.77 21.70 -0.15
CA TYR B 187 -12.47 20.44 -0.37
C TYR B 187 -13.85 20.67 -0.95
N SER B 188 -14.42 21.87 -0.77
CA SER B 188 -15.72 22.20 -1.36
C SER B 188 -15.64 23.27 -2.45
N GLY B 189 -14.46 23.48 -3.03
CA GLY B 189 -14.30 24.49 -4.08
C GLY B 189 -14.20 25.96 -3.69
N GLU B 190 -14.17 26.80 -4.72
CA GLU B 190 -13.84 28.22 -4.55
C GLU B 190 -14.92 28.91 -3.72
N LEU B 191 -14.49 29.81 -2.85
CA LEU B 191 -15.39 30.58 -1.98
C LEU B 191 -16.04 29.80 -0.84
N THR B 192 -15.53 28.59 -0.56
CA THR B 192 -16.06 27.76 0.54
C THR B 192 -14.92 27.52 1.53
N LEU B 193 -15.26 27.40 2.80
CA LEU B 193 -14.29 27.04 3.85
C LEU B 193 -14.34 25.56 4.22
N ASN B 194 -13.19 24.99 4.56
CA ASN B 194 -13.11 23.59 4.98
C ASN B 194 -13.70 23.38 6.36
N MET B 195 -14.25 22.20 6.59
CA MET B 195 -14.89 21.86 7.86
C MET B 195 -14.39 20.53 8.39
N ASN B 196 -14.59 20.31 9.69
CA ASN B 196 -14.27 19.06 10.35
C ASN B 196 -12.80 18.68 10.21
N LEU B 197 -11.91 19.67 10.15
CA LEU B 197 -10.48 19.41 10.00
C LEU B 197 -9.83 18.86 11.30
N ALA B 198 -8.86 17.97 11.14
CA ALA B 198 -7.94 17.66 12.23
C ALA B 198 -7.13 18.95 12.52
N PRO B 199 -6.86 19.24 13.81
CA PRO B 199 -6.30 20.55 14.13
C PRO B 199 -4.85 20.74 13.67
N PRO B 200 -4.40 22.00 13.57
CA PRO B 200 -2.99 22.22 13.25
C PRO B 200 -2.10 21.69 14.37
N VAL B 201 -0.87 21.33 14.06
CA VAL B 201 0.08 20.88 15.08
C VAL B 201 1.34 21.74 15.07
N ALA B 202 1.91 21.95 16.25
CA ALA B 202 3.14 22.72 16.39
C ALA B 202 3.78 22.46 17.75
N PRO B 203 5.10 22.62 17.85
CA PRO B 203 5.69 22.47 19.18
C PRO B 203 5.37 23.70 20.01
N ASN B 204 5.35 23.59 21.31
CA ASN B 204 5.45 24.84 22.10
C ASN B 204 6.11 24.64 23.43
N PHE B 205 7.13 23.80 23.41
CA PHE B 205 8.15 23.83 24.40
C PHE B 205 9.33 24.51 23.70
N PRO B 206 10.00 25.45 24.39
CA PRO B 206 11.12 26.12 23.73
C PRO B 206 12.23 25.11 23.39
N GLY B 207 12.88 25.31 22.26
CA GLY B 207 13.93 24.41 21.80
C GLY B 207 13.45 23.19 21.05
N GLU B 208 12.13 23.03 20.90
CA GLU B 208 11.57 21.85 20.24
C GLU B 208 11.11 22.10 18.80
N GLN B 209 11.29 21.07 17.97
CA GLN B 209 10.87 21.10 16.56
C GLN B 209 10.09 19.82 16.26
N LEU B 210 9.25 19.86 15.23
CA LEU B 210 8.57 18.66 14.75
C LEU B 210 9.57 17.72 14.10
N LEU B 211 9.39 16.43 14.30
CA LEU B 211 10.14 15.37 13.59
C LEU B 211 9.19 14.71 12.59
N PHE B 212 9.63 14.58 11.35
CA PHE B 212 8.82 14.01 10.29
C PHE B 212 9.44 12.71 9.77
N PHE B 213 8.57 11.82 9.32
CA PHE B 213 8.99 10.69 8.51
C PHE B 213 8.86 11.11 7.05
N ARG B 214 9.99 11.17 6.35
CA ARG B 214 10.05 11.78 5.03
C ARG B 214 10.16 10.74 3.92
N SER B 215 9.43 10.99 2.81
CA SER B 215 9.56 10.22 1.57
C SER B 215 9.82 11.13 0.38
N PHE B 216 10.58 10.62 -0.59
CA PHE B 216 10.82 11.31 -1.86
C PHE B 216 10.02 10.56 -2.93
N VAL B 217 8.85 11.10 -3.27
CA VAL B 217 7.91 10.40 -4.12
C VAL B 217 8.21 10.71 -5.59
N PRO B 218 7.68 9.91 -6.50
CA PRO B 218 7.92 10.13 -7.93
C PRO B 218 7.33 11.43 -8.45
N CYS B 219 8.04 12.09 -9.37
CA CYS B 219 7.48 13.21 -10.12
C CYS B 219 7.57 12.91 -11.62
N SER B 220 6.79 13.66 -12.40
CA SER B 220 6.55 13.38 -13.81
C SER B 220 7.17 14.39 -14.79
N GLY B 221 8.29 15.01 -14.42
CA GLY B 221 8.92 16.03 -15.27
C GLY B 221 9.47 17.14 -14.39
N GLY B 222 10.48 17.85 -14.89
CA GLY B 222 11.11 18.89 -14.09
C GLY B 222 11.94 18.33 -12.93
N TYR B 223 12.15 19.16 -11.91
CA TYR B 223 13.18 18.88 -10.90
C TYR B 223 12.63 18.80 -9.49
N ASN B 224 11.32 18.78 -9.32
CA ASN B 224 10.76 18.75 -7.98
C ASN B 224 11.27 17.53 -7.22
N GLN B 225 11.65 17.75 -5.97
CA GLN B 225 12.23 16.70 -5.14
C GLN B 225 11.23 15.63 -4.67
N GLY B 226 9.93 15.92 -4.80
CA GLY B 226 8.89 14.99 -4.39
C GLY B 226 8.76 14.77 -2.88
N ILE B 227 9.07 15.80 -2.09
CA ILE B 227 9.05 15.65 -0.62
C ILE B 227 7.63 15.61 -0.06
N ILE B 228 7.32 14.54 0.66
CA ILE B 228 6.07 14.44 1.43
C ILE B 228 6.45 13.95 2.82
N ASP B 229 6.16 14.77 3.82
CA ASP B 229 6.46 14.49 5.21
C ASP B 229 5.20 14.11 5.93
N CYS B 230 5.27 13.03 6.71
CA CYS B 230 4.14 12.67 7.59
C CYS B 230 4.54 12.68 9.07
N LEU B 231 3.52 12.79 9.91
CA LEU B 231 3.70 12.92 11.36
C LEU B 231 4.00 11.59 12.03
N ILE B 232 3.25 10.57 11.62
CA ILE B 232 3.47 9.20 12.06
C ILE B 232 3.18 8.29 10.87
N PRO B 233 3.92 7.19 10.76
CA PRO B 233 3.74 6.29 9.61
C PRO B 233 2.45 5.49 9.69
N GLN B 234 2.00 5.02 8.53
CA GLN B 234 0.75 4.28 8.43
C GLN B 234 0.71 3.06 9.37
N GLU B 235 1.84 2.36 9.55
CA GLU B 235 1.89 1.19 10.43
C GLU B 235 1.66 1.52 11.92
N TRP B 236 2.08 2.71 12.35
CA TRP B 236 1.79 3.13 13.72
C TRP B 236 0.31 3.43 13.86
N ILE B 237 -0.28 4.08 12.85
CA ILE B 237 -1.70 4.37 12.84
C ILE B 237 -2.48 3.06 12.95
N GLN B 238 -2.08 2.06 12.16
CA GLN B 238 -2.77 0.77 12.14
C GLN B 238 -2.66 0.10 13.51
N HIS B 239 -1.51 0.26 14.14
CA HIS B 239 -1.23 -0.34 15.46
C HIS B 239 -2.05 0.31 16.56
N PHE B 240 -2.11 1.64 16.58
CA PHE B 240 -2.87 2.37 17.59
C PHE B 240 -4.36 2.08 17.45
N TYR B 241 -4.83 1.95 16.20
CA TYR B 241 -6.21 1.57 15.95
C TYR B 241 -6.58 0.21 16.57
N GLN B 242 -5.68 -0.78 16.47
CA GLN B 242 -5.88 -2.11 17.05
C GLN B 242 -5.82 -2.11 18.55
N GLU B 243 -4.80 -1.48 19.11
CA GLU B 243 -4.52 -1.56 20.54
C GLU B 243 -5.53 -0.75 21.35
N SER B 244 -5.82 0.45 20.87
CA SER B 244 -6.66 1.40 21.62
C SER B 244 -6.25 1.47 23.08
N ALA B 245 -4.95 1.59 23.34
CA ALA B 245 -4.45 1.69 24.70
C ALA B 245 -4.77 3.07 25.27
N PRO B 246 -5.38 3.14 26.47
CA PRO B 246 -5.63 4.46 27.02
C PRO B 246 -4.33 5.22 27.25
N SER B 247 -4.30 6.49 26.85
CA SER B 247 -3.15 7.35 27.06
C SER B 247 -3.12 7.84 28.52
N GLN B 248 -2.02 7.57 29.23
CA GLN B 248 -1.89 7.94 30.64
C GLN B 248 -1.57 9.41 30.86
N SER B 249 -0.97 10.07 29.87
CA SER B 249 -0.64 11.48 29.98
C SER B 249 -0.63 12.09 28.59
N ASP B 250 -0.29 13.38 28.49
CA ASP B 250 -0.31 14.09 27.22
C ASP B 250 0.85 13.73 26.29
N VAL B 251 1.86 13.04 26.83
CA VAL B 251 3.11 12.83 26.09
C VAL B 251 3.71 11.48 26.44
N ALA B 252 4.03 10.71 25.40
CA ALA B 252 4.75 9.46 25.56
C ALA B 252 6.21 9.72 25.22
N LEU B 253 7.11 9.42 26.15
CA LEU B 253 8.54 9.54 25.86
C LEU B 253 8.95 8.32 25.05
N ILE B 254 9.57 8.55 23.89
CA ILE B 254 10.04 7.45 23.05
C ILE B 254 11.56 7.57 22.79
N ARG B 255 12.21 6.43 22.60
CA ARG B 255 13.66 6.34 22.39
C ARG B 255 13.95 5.62 21.07
N TYR B 256 14.83 6.20 20.26
CA TYR B 256 15.30 5.56 19.04
C TYR B 256 16.49 4.70 19.46
N VAL B 257 16.39 3.40 19.20
CA VAL B 257 17.40 2.46 19.68
C VAL B 257 18.06 1.76 18.50
N ASN B 258 19.32 1.38 18.68
CA ASN B 258 20.00 0.48 17.77
C ASN B 258 19.93 -0.90 18.41
N PRO B 259 19.14 -1.81 17.83
CA PRO B 259 18.93 -3.11 18.46
C PRO B 259 20.16 -4.03 18.45
N ASP B 260 21.10 -3.81 17.53
CA ASP B 260 22.34 -4.60 17.49
C ASP B 260 23.22 -4.26 18.68
N THR B 261 23.56 -2.98 18.79
CA THR B 261 24.40 -2.49 19.89
C THR B 261 23.62 -2.43 21.20
N GLY B 262 22.30 -2.30 21.11
CA GLY B 262 21.44 -2.20 22.29
C GLY B 262 21.30 -0.81 22.87
N ARG B 263 21.97 0.18 22.29
CA ARG B 263 22.00 1.52 22.89
C ARG B 263 20.96 2.48 22.31
N THR B 264 20.59 3.45 23.13
CA THR B 264 19.68 4.52 22.71
C THR B 264 20.46 5.64 22.04
N LEU B 265 19.96 6.08 20.89
CA LEU B 265 20.64 7.08 20.08
C LEU B 265 20.14 8.50 20.30
N PHE B 266 18.83 8.64 20.50
CA PHE B 266 18.22 9.90 20.90
C PHE B 266 16.81 9.64 21.44
N GLU B 267 16.21 10.68 22.01
CA GLU B 267 14.86 10.57 22.58
C GLU B 267 13.96 11.63 21.98
N ALA B 268 12.65 11.41 22.11
CA ALA B 268 11.68 12.27 21.49
C ALA B 268 10.37 12.24 22.24
N LYS B 269 9.52 13.24 22.01
CA LYS B 269 8.20 13.30 22.61
C LYS B 269 7.15 12.92 21.58
N LEU B 270 6.37 11.89 21.90
CA LEU B 270 5.23 11.49 21.07
C LEU B 270 3.97 11.99 21.75
N HIS B 271 3.36 13.00 21.16
CA HIS B 271 2.21 13.65 21.75
C HIS B 271 0.92 12.86 21.59
N ARG B 272 0.05 12.92 22.60
CA ARG B 272 -1.24 12.24 22.62
C ARG B 272 -2.02 12.37 21.29
N SER B 273 -1.95 13.54 20.67
CA SER B 273 -2.73 13.78 19.44
C SER B 273 -2.06 13.25 18.15
N GLY B 274 -0.86 12.66 18.28
CA GLY B 274 -0.25 11.89 17.21
C GLY B 274 0.81 12.59 16.38
N TYR B 275 1.75 13.26 17.03
CA TYR B 275 2.92 13.84 16.34
C TYR B 275 4.13 13.83 17.26
N ILE B 276 5.31 14.02 16.70
CA ILE B 276 6.57 13.87 17.44
C ILE B 276 7.33 15.18 17.48
N THR B 277 7.90 15.51 18.64
CA THR B 277 8.83 16.63 18.74
C THR B 277 10.18 16.19 19.30
N VAL B 278 11.22 16.89 18.88
CA VAL B 278 12.59 16.64 19.35
C VAL B 278 13.24 17.96 19.74
N ALA B 279 14.27 17.89 20.59
CA ALA B 279 15.04 19.06 21.01
C ALA B 279 16.19 19.31 20.06
N HIS B 280 15.99 20.26 19.15
CA HIS B 280 16.98 20.55 18.15
C HIS B 280 16.64 21.90 17.54
N SER B 281 17.67 22.56 17.01
CA SER B 281 17.51 23.85 16.35
C SER B 281 18.03 23.77 14.91
N GLY B 282 17.15 23.95 13.93
CA GLY B 282 17.52 23.96 12.50
C GLY B 282 17.01 22.77 11.71
N ASP B 283 16.91 22.96 10.40
CA ASP B 283 16.60 21.86 9.47
C ASP B 283 17.72 20.83 9.53
N TYR B 284 17.38 19.58 9.74
CA TYR B 284 18.37 18.53 9.84
C TYR B 284 17.81 17.19 9.37
N PRO B 285 18.36 16.63 8.27
CA PRO B 285 18.11 15.23 7.92
C PRO B 285 18.91 14.34 8.84
N LEU B 286 18.21 13.51 9.63
CA LEU B 286 18.90 12.73 10.64
C LEU B 286 19.80 11.66 10.02
N VAL B 287 20.95 11.43 10.66
CA VAL B 287 21.85 10.36 10.26
C VAL B 287 21.79 9.29 11.32
N VAL B 288 21.22 8.16 10.97
CA VAL B 288 20.98 7.09 11.91
C VAL B 288 21.23 5.75 11.24
N PRO B 289 21.63 4.74 12.03
CA PRO B 289 21.84 3.41 11.45
C PRO B 289 20.54 2.80 10.91
N ALA B 290 20.68 2.01 9.85
CA ALA B 290 19.54 1.48 9.10
C ALA B 290 18.64 0.55 9.92
N ASN B 291 19.21 -0.09 10.93
CA ASN B 291 18.46 -1.02 11.78
C ASN B 291 17.68 -0.38 12.92
N GLY B 292 17.73 0.94 13.04
CA GLY B 292 17.18 1.61 14.20
C GLY B 292 15.67 1.71 14.21
N HIS B 293 15.09 1.83 15.40
CA HIS B 293 13.64 2.01 15.54
C HIS B 293 13.29 2.67 16.87
N PHE B 294 12.11 3.30 16.92
CA PHE B 294 11.60 3.86 18.16
C PHE B 294 11.02 2.79 19.08
N ARG B 295 11.17 3.00 20.39
CA ARG B 295 10.52 2.19 21.43
C ARG B 295 9.85 3.12 22.43
N PHE B 296 8.72 2.71 22.98
CA PHE B 296 8.07 3.48 24.06
C PHE B 296 8.89 3.34 25.36
N ASP B 297 9.12 4.45 26.05
CA ASP B 297 9.84 4.44 27.34
C ASP B 297 8.84 4.58 28.47
N SER B 298 8.19 5.73 28.56
CA SER B 298 7.33 6.06 29.69
C SER B 298 6.41 7.23 29.39
N TRP B 299 5.38 7.40 30.23
CA TRP B 299 4.51 8.57 30.13
C TRP B 299 5.07 9.73 30.94
N VAL B 300 5.21 10.88 30.29
CA VAL B 300 5.71 12.10 30.91
C VAL B 300 4.70 13.22 30.68
N ASN B 301 5.08 14.48 30.85
CA ASN B 301 4.16 15.60 30.58
C ASN B 301 4.70 16.58 29.59
N GLN B 302 3.88 17.56 29.22
CA GLN B 302 4.23 18.53 28.18
C GLN B 302 5.54 19.29 28.44
N PHE B 303 5.89 19.49 29.71
CA PHE B 303 7.08 20.24 30.08
C PHE B 303 8.31 19.36 30.36
N TYR B 304 8.22 18.07 30.09
CA TYR B 304 9.41 17.21 30.18
C TYR B 304 10.49 17.78 29.28
N SER B 305 11.72 17.80 29.76
CA SER B 305 12.82 18.42 29.05
C SER B 305 13.64 17.31 28.37
N LEU B 306 13.66 17.34 27.04
CA LEU B 306 14.34 16.31 26.26
C LEU B 306 15.84 16.55 26.25
N ALA B 307 16.60 15.48 26.37
CA ALA B 307 18.01 15.55 26.05
C ALA B 307 18.14 16.04 24.62
N PRO B 308 19.07 16.98 24.37
CA PRO B 308 19.30 17.45 23.01
C PRO B 308 19.61 16.30 22.05
N MET B 309 19.12 16.44 20.81
CA MET B 309 19.28 15.44 19.76
C MET B 309 20.30 15.96 18.76
#